data_1GJ5
#
_entry.id   1GJ5
#
_cell.length_a   71.33
_cell.length_b   71.96
_cell.length_c   72.96
_cell.angle_alpha   90.0
_cell.angle_beta   101.05
_cell.angle_gamma   90.0
#
_symmetry.space_group_name_H-M   'C 1 2 1'
#
loop_
_entity.id
_entity.type
_entity.pdbx_description
1 polymer THROMBIN
2 polymer THROMBIN
3 polymer 'ACETYL HIRUDIN'
4 non-polymer 'SODIUM ION'
5 non-polymer 2-(2-HYDROXY-BIPHENYL)-1H-BENZOIMIDAZOLE-5-CARBOXAMIDINE
6 water water
#
loop_
_entity_poly.entity_id
_entity_poly.type
_entity_poly.pdbx_seq_one_letter_code
_entity_poly.pdbx_strand_id
1 'polypeptide(L)' TFGSGEADCGLRPLFEKKSLEDKTERELLESYIDGR L
2 'polypeptide(L)'
;IVEGSDAEIGMSPWQVMLFRKSPQELLCGASLISDRWVLTAAHCLLYPPWDKNFTENDLLVRIGKHSRTRYERNIEKISM
LEKIYIHPRYNWRENLDRDIALMKLKKPVAFSDYIHPVCLPDRETAASLLQAGYKGRVTGWGNLKETWTANVGKGQPSVL
QVVNLPIVERPVCKDSTRIRITDNMFCAGYKPDEGKRGDACEGDSGGPFVMKSPFNNRWYQMGIVSWGEGCDRDGKYGFY
THVFRLKKWIQKVIDQFG
;
H
3 'polypeptide(L)' DFEEIPEE(TYS)LQ I
#
loop_
_chem_comp.id
_chem_comp.type
_chem_comp.name
_chem_comp.formula
130 non-polymer 2-(2-HYDROXY-BIPHENYL)-1H-BENZOIMIDAZOLE-5-CARBOXAMIDINE 'C20 H16 N4 O'
NA non-polymer 'SODIUM ION' 'Na 1'
#
# COMPACT_ATOMS: atom_id res chain seq x y z
N THR A 1 0.77 4.12 -13.74
CA THR A 1 1.14 5.54 -13.79
C THR A 1 -0.17 6.35 -13.81
N PHE A 2 -1.04 6.13 -14.77
CA PHE A 2 -2.31 6.91 -14.83
C PHE A 2 -3.46 5.92 -14.77
N GLY A 3 -4.56 6.35 -15.35
CA GLY A 3 -5.80 5.54 -15.40
C GLY A 3 -5.53 4.13 -15.82
N SER A 4 -6.26 3.26 -15.20
CA SER A 4 -6.13 1.81 -15.47
C SER A 4 -4.66 1.37 -15.34
N GLY A 5 -3.89 2.19 -14.69
CA GLY A 5 -2.47 1.87 -14.47
C GLY A 5 -1.30 2.32 -15.30
N GLU A 6 -0.70 1.34 -15.92
CA GLU A 6 0.49 1.57 -16.78
C GLU A 6 0.47 0.93 -18.17
N ALA A 7 -0.16 -0.21 -18.35
CA ALA A 7 -0.23 -0.93 -19.69
C ALA A 7 -0.21 -2.44 -19.45
N ASP A 8 0.80 -2.84 -18.74
CA ASP A 8 0.90 -4.30 -18.43
C ASP A 8 0.70 -4.45 -16.92
N CYS A 9 0.34 -3.35 -16.33
CA CYS A 9 0.10 -3.27 -14.87
C CYS A 9 -0.82 -4.31 -14.30
N GLY A 10 -0.65 -4.56 -13.04
CA GLY A 10 -1.53 -5.56 -12.37
C GLY A 10 -1.48 -6.96 -12.80
N LEU A 11 -0.67 -7.35 -13.77
CA LEU A 11 -0.65 -8.81 -14.15
C LEU A 11 0.67 -9.29 -13.57
N ARG A 12 0.62 -10.11 -12.56
CA ARG A 12 1.89 -10.62 -11.92
C ARG A 12 2.67 -11.70 -12.72
N PRO A 13 3.93 -11.50 -12.98
CA PRO A 13 4.77 -12.47 -13.70
C PRO A 13 4.63 -13.90 -13.23
N LEU A 14 4.58 -14.05 -11.94
CA LEU A 14 4.49 -15.39 -11.37
C LEU A 14 3.12 -15.91 -11.17
N PHE A 15 2.14 -15.12 -11.47
CA PHE A 15 0.79 -15.66 -11.26
C PHE A 15 -0.06 -15.47 -12.50
N GLU A 16 -0.65 -14.31 -12.68
CA GLU A 16 -1.51 -14.10 -13.87
C GLU A 16 -0.81 -14.40 -15.17
N LYS A 17 0.40 -13.96 -15.32
CA LYS A 17 1.14 -14.24 -16.58
C LYS A 17 1.31 -15.74 -16.82
N LYS A 18 1.21 -16.55 -15.81
CA LYS A 18 1.37 -18.01 -15.96
C LYS A 18 0.07 -18.71 -15.70
N SER A 19 -0.93 -17.92 -15.49
CA SER A 19 -2.28 -18.46 -15.23
C SER A 19 -2.22 -19.28 -13.91
N LEU A 20 -1.48 -18.80 -12.95
CA LEU A 20 -1.38 -19.53 -11.64
C LEU A 20 -2.11 -18.59 -10.64
N GLU A 21 -2.78 -19.14 -9.66
CA GLU A 21 -3.52 -18.33 -8.66
C GLU A 21 -2.78 -18.35 -7.34
N ASP A 22 -2.87 -17.31 -6.55
CA ASP A 22 -2.15 -17.35 -5.25
C ASP A 22 -3.17 -18.02 -4.32
N LYS A 23 -2.80 -18.37 -3.13
CA LYS A 23 -3.80 -19.04 -2.27
C LYS A 23 -5.00 -18.30 -1.74
N THR A 24 -5.07 -17.00 -1.65
CA THR A 24 -6.34 -16.42 -1.11
C THR A 24 -7.04 -15.48 -2.10
N GLU A 25 -6.56 -15.32 -3.31
CA GLU A 25 -7.30 -14.38 -4.22
C GLU A 25 -8.70 -14.83 -4.42
N ARG A 26 -8.90 -16.09 -4.34
CA ARG A 26 -10.26 -16.67 -4.48
C ARG A 26 -11.24 -15.97 -3.49
N GLU A 27 -10.76 -15.76 -2.29
CA GLU A 27 -11.55 -15.11 -1.22
C GLU A 27 -12.04 -13.75 -1.74
N LEU A 28 -11.17 -13.07 -2.41
CA LEU A 28 -11.53 -11.74 -2.95
C LEU A 28 -12.60 -11.85 -4.04
N LEU A 29 -12.32 -12.56 -5.09
CA LEU A 29 -13.32 -12.70 -6.20
C LEU A 29 -14.64 -13.27 -5.70
N GLU A 30 -14.56 -14.10 -4.70
CA GLU A 30 -15.81 -14.68 -4.17
C GLU A 30 -16.62 -13.62 -3.46
N SER A 31 -15.98 -12.58 -2.98
CA SER A 31 -16.75 -11.52 -2.27
C SER A 31 -17.30 -10.50 -3.25
N TYR A 32 -16.95 -10.57 -4.50
CA TYR A 32 -17.51 -9.56 -5.45
C TYR A 32 -18.67 -10.39 -5.96
N ILE A 33 -19.52 -10.76 -5.05
CA ILE A 33 -20.73 -11.61 -5.30
C ILE A 33 -20.42 -12.78 -6.29
N ASP A 34 -19.17 -13.17 -6.25
CA ASP A 34 -18.50 -14.26 -7.04
C ASP A 34 -18.11 -13.82 -8.44
N GLY A 35 -16.88 -14.08 -8.83
CA GLY A 35 -16.45 -13.66 -10.21
C GLY A 35 -16.05 -14.83 -11.15
N ARG A 36 -16.69 -14.86 -12.28
CA ARG A 36 -16.57 -15.83 -13.44
C ARG A 36 -17.93 -16.52 -13.63
N ILE B 1 0.87 -6.13 10.04
CA ILE B 1 -0.41 -6.71 9.63
C ILE B 1 -0.70 -7.63 10.81
N VAL B 2 -1.92 -7.64 11.26
CA VAL B 2 -2.32 -8.46 12.39
C VAL B 2 -3.29 -9.47 11.83
N GLU B 3 -3.09 -10.69 12.22
CA GLU B 3 -3.91 -11.89 11.81
C GLU B 3 -3.94 -12.12 10.30
N GLY B 4 -2.80 -11.84 9.73
CA GLY B 4 -2.56 -11.99 8.27
C GLY B 4 -1.51 -13.11 8.15
N SER B 5 -1.17 -13.57 6.98
CA SER B 5 -0.16 -14.67 6.86
C SER B 5 1.00 -14.25 6.01
N ASP B 6 1.96 -15.14 5.88
CA ASP B 6 3.15 -14.81 5.06
C ASP B 6 2.73 -14.74 3.61
N ALA B 7 3.33 -13.83 2.92
CA ALA B 7 2.99 -13.67 1.48
C ALA B 7 3.74 -14.75 0.73
N GLU B 8 3.42 -14.91 -0.54
CA GLU B 8 4.09 -15.93 -1.39
C GLU B 8 5.08 -15.09 -2.13
N ILE B 9 6.00 -15.77 -2.75
CA ILE B 9 7.03 -15.06 -3.50
C ILE B 9 6.29 -14.52 -4.74
N GLY B 10 6.56 -13.29 -5.04
CA GLY B 10 5.95 -12.58 -6.20
C GLY B 10 4.44 -12.30 -6.10
N MET B 11 3.88 -12.37 -4.92
CA MET B 11 2.41 -12.12 -4.73
C MET B 11 2.06 -10.63 -4.84
N SER B 12 2.88 -9.74 -4.36
CA SER B 12 2.66 -8.25 -4.40
C SER B 12 3.90 -7.61 -5.00
N PRO B 13 4.15 -7.83 -6.27
CA PRO B 13 5.42 -7.39 -6.87
C PRO B 13 5.54 -5.87 -6.89
N TRP B 14 4.46 -5.24 -6.54
CA TRP B 14 4.43 -3.75 -6.51
C TRP B 14 4.77 -3.27 -5.07
N GLN B 15 4.88 -4.12 -4.09
CA GLN B 15 5.20 -3.63 -2.73
C GLN B 15 6.61 -3.02 -2.66
N VAL B 16 6.69 -1.85 -2.08
CA VAL B 16 7.94 -1.08 -1.91
C VAL B 16 8.16 -0.87 -0.38
N MET B 17 9.40 -0.69 0.00
CA MET B 17 9.79 -0.47 1.42
C MET B 17 10.47 0.87 1.43
N LEU B 18 10.02 1.75 2.30
CA LEU B 18 10.65 3.10 2.38
C LEU B 18 11.64 2.82 3.49
N PHE B 19 12.87 3.00 3.20
CA PHE B 19 13.93 2.72 4.19
C PHE B 19 14.63 4.02 4.51
N ARG B 20 14.96 4.16 5.76
CA ARG B 20 15.64 5.39 6.22
C ARG B 20 17.15 5.05 6.23
N LYS B 21 17.98 5.95 5.79
CA LYS B 21 19.44 5.65 5.78
C LYS B 21 20.10 5.62 7.19
N SER B 22 19.92 6.61 8.02
CA SER B 22 20.57 6.53 9.36
C SER B 22 19.52 7.09 10.32
N PRO B 23 19.09 6.35 11.31
CA PRO B 23 19.32 4.88 11.46
C PRO B 23 18.69 4.08 10.30
N GLN B 24 19.28 2.95 10.02
CA GLN B 24 18.77 2.09 8.92
C GLN B 24 17.55 1.37 9.42
N GLU B 25 16.40 1.90 9.09
CA GLU B 25 15.13 1.27 9.54
C GLU B 25 13.98 1.42 8.51
N LEU B 26 13.04 0.52 8.69
CA LEU B 26 11.84 0.46 7.83
C LEU B 26 11.02 1.64 8.31
N LEU B 27 10.62 2.45 7.38
CA LEU B 27 9.83 3.63 7.71
C LEU B 27 8.35 3.38 7.38
N CYS B 28 8.07 2.96 6.18
CA CYS B 28 6.68 2.71 5.75
C CYS B 28 6.68 1.78 4.55
N GLY B 29 5.50 1.58 4.07
CA GLY B 29 5.27 0.72 2.89
C GLY B 29 5.01 1.75 1.77
N ALA B 30 4.90 1.29 0.57
CA ALA B 30 4.64 2.19 -0.58
C ALA B 30 4.32 1.21 -1.71
N SER B 31 4.03 1.70 -2.89
CA SER B 31 3.74 0.77 -4.03
C SER B 31 4.40 1.37 -5.31
N LEU B 32 4.69 0.50 -6.25
CA LEU B 32 5.33 0.89 -7.54
C LEU B 32 4.16 1.03 -8.51
N ILE B 33 4.00 2.19 -9.12
CA ILE B 33 2.88 2.38 -10.08
C ILE B 33 3.44 2.52 -11.54
N SER B 34 4.71 2.80 -11.73
CA SER B 34 5.31 2.91 -13.10
C SER B 34 6.80 2.58 -12.88
N ASP B 35 7.64 2.62 -13.88
CA ASP B 35 9.07 2.28 -13.55
C ASP B 35 9.75 3.44 -12.85
N ARG B 36 9.13 4.57 -12.73
CA ARG B 36 9.78 5.74 -12.03
C ARG B 36 8.96 6.31 -10.88
N TRP B 37 7.75 5.87 -10.65
CA TRP B 37 6.95 6.46 -9.54
C TRP B 37 6.45 5.51 -8.49
N VAL B 38 6.52 6.00 -7.28
CA VAL B 38 6.09 5.23 -6.11
C VAL B 38 5.03 6.12 -5.45
N LEU B 39 4.04 5.48 -4.90
CA LEU B 39 2.92 6.17 -4.21
C LEU B 39 3.00 5.71 -2.74
N THR B 40 2.82 6.64 -1.84
CA THR B 40 2.87 6.29 -0.40
C THR B 40 1.92 7.24 0.31
N ALA B 41 1.98 7.22 1.61
CA ALA B 41 1.10 8.09 2.44
C ALA B 41 1.97 9.29 2.81
N ALA B 42 1.41 10.47 2.69
CA ALA B 42 2.17 11.70 3.05
C ALA B 42 2.60 11.78 4.49
N HIS B 43 1.92 11.12 5.39
CA HIS B 43 2.32 11.20 6.82
C HIS B 43 3.59 10.41 7.09
N CYS B 44 4.03 9.68 6.09
CA CYS B 44 5.26 8.89 6.26
C CYS B 44 6.42 9.82 6.08
N LEU B 45 6.19 10.87 5.35
CA LEU B 45 7.25 11.89 5.06
C LEU B 45 7.15 13.19 5.85
N LEU B 46 5.95 13.56 6.15
CA LEU B 46 5.73 14.83 6.89
C LEU B 46 4.68 14.70 7.99
N TYR B 47 5.10 14.75 9.22
CA TYR B 47 4.14 14.65 10.34
C TYR B 47 4.74 15.53 11.43
N PRO B 48 4.50 16.82 11.35
CA PRO B 48 5.01 17.82 12.33
C PRO B 48 4.76 17.53 13.81
N PRO B 49 3.62 17.05 14.23
CA PRO B 49 3.39 16.69 15.64
C PRO B 49 4.53 15.91 16.23
N TRP B 50 5.18 15.11 15.42
CA TRP B 50 6.32 14.28 15.91
C TRP B 50 7.60 14.63 15.16
N ASP B 51 7.69 15.84 14.74
CA ASP B 51 8.89 16.29 13.99
C ASP B 51 9.44 15.30 12.96
N LYS B 52 8.60 14.96 12.04
CA LYS B 52 8.95 14.02 10.94
C LYS B 52 8.85 14.88 9.69
N ASN B 53 9.91 15.09 9.00
CA ASN B 53 9.90 15.90 7.76
C ASN B 53 11.11 15.35 7.04
N PHE B 54 10.87 14.36 6.21
CA PHE B 54 12.00 13.75 5.45
C PHE B 54 12.10 14.40 4.09
N THR B 55 13.29 14.33 3.61
CA THR B 55 13.67 14.89 2.31
C THR B 55 14.20 13.75 1.45
N GLU B 56 14.38 14.05 0.19
CA GLU B 56 14.90 13.05 -0.82
C GLU B 56 16.10 12.25 -0.24
N ASN B 57 17.01 13.06 0.22
CA ASN B 57 18.30 12.60 0.84
C ASN B 57 18.21 11.76 2.05
N ASP B 58 17.08 11.57 2.63
CA ASP B 58 17.09 10.72 3.85
C ASP B 58 16.49 9.40 3.63
N LEU B 59 15.90 9.22 2.47
CA LEU B 59 15.23 7.91 2.19
C LEU B 59 15.82 7.10 1.04
N LEU B 60 15.51 5.84 1.11
CA LEU B 60 15.96 4.87 0.10
C LEU B 60 14.68 4.05 -0.18
N VAL B 61 14.50 3.59 -1.38
CA VAL B 61 13.31 2.80 -1.74
C VAL B 61 13.83 1.38 -2.09
N ARG B 62 13.32 0.37 -1.46
CA ARG B 62 13.77 -1.02 -1.75
C ARG B 62 12.56 -1.76 -2.39
N ILE B 63 12.74 -2.20 -3.63
CA ILE B 63 11.67 -2.92 -4.40
C ILE B 63 12.08 -4.38 -4.65
N GLY B 64 11.13 -5.25 -4.64
CA GLY B 64 11.39 -6.70 -4.88
C GLY B 64 11.60 -7.51 -3.62
N LYS B 65 11.29 -6.98 -2.47
CA LYS B 65 11.52 -7.75 -1.21
C LYS B 65 10.43 -8.67 -0.80
N HIS B 66 10.84 -9.51 0.11
CA HIS B 66 9.98 -10.55 0.72
C HIS B 66 10.33 -10.50 2.23
N SER B 67 11.59 -10.70 2.48
CA SER B 67 12.17 -10.71 3.85
C SER B 67 12.28 -9.24 4.28
N ARG B 68 12.01 -9.00 5.52
CA ARG B 68 12.05 -7.62 6.07
C ARG B 68 13.44 -7.08 6.33
N THR B 69 14.24 -7.85 7.01
CA THR B 69 15.61 -7.36 7.33
C THR B 69 16.76 -7.77 6.46
N ARG B 70 16.58 -8.67 5.52
CA ARG B 70 17.78 -9.03 4.71
C ARG B 70 17.90 -8.34 3.39
N TYR B 71 19.12 -8.12 2.99
CA TYR B 71 19.38 -7.45 1.69
C TYR B 71 19.38 -8.65 0.75
N GLU B 72 18.25 -8.80 0.10
CA GLU B 72 18.02 -9.91 -0.86
C GLU B 72 18.80 -9.61 -2.15
N ARG B 73 20.06 -9.94 -2.05
CA ARG B 73 21.08 -9.80 -3.12
C ARG B 73 20.57 -10.44 -4.42
N ASN B 74 20.64 -9.70 -5.48
CA ASN B 74 20.20 -10.14 -6.84
C ASN B 74 18.68 -10.26 -7.01
N ILE B 75 17.89 -9.87 -6.04
CA ILE B 75 16.42 -9.97 -6.15
C ILE B 75 15.84 -8.57 -5.94
N GLU B 76 16.26 -7.88 -4.93
CA GLU B 76 15.69 -6.53 -4.69
C GLU B 76 16.53 -5.45 -5.30
N LYS B 77 15.92 -4.30 -5.55
CA LYS B 77 16.62 -3.12 -6.15
C LYS B 77 16.40 -2.02 -5.13
N ILE B 78 17.38 -1.17 -5.03
CA ILE B 78 17.33 -0.06 -4.09
C ILE B 78 17.46 1.18 -4.96
N SER B 79 16.53 2.09 -4.90
CA SER B 79 16.61 3.33 -5.74
C SER B 79 16.66 4.53 -4.83
N MET B 80 17.08 5.62 -5.39
CA MET B 80 17.18 6.88 -4.60
C MET B 80 16.06 7.73 -5.17
N LEU B 81 15.71 8.77 -4.47
CA LEU B 81 14.62 9.65 -4.93
C LEU B 81 15.16 10.83 -5.62
N GLU B 82 14.36 11.32 -6.50
CA GLU B 82 14.72 12.51 -7.29
C GLU B 82 13.86 13.57 -6.64
N LYS B 83 12.56 13.38 -6.59
CA LYS B 83 11.68 14.40 -5.96
C LYS B 83 10.54 13.69 -5.20
N ILE B 84 9.98 14.39 -4.24
CA ILE B 84 8.85 13.90 -3.37
C ILE B 84 7.78 14.97 -3.53
N TYR B 85 6.55 14.57 -3.71
CA TYR B 85 5.44 15.56 -3.86
C TYR B 85 4.39 15.16 -2.86
N ILE B 86 4.03 16.06 -2.01
CA ILE B 86 2.99 15.75 -0.97
C ILE B 86 1.72 16.46 -1.51
N HIS B 87 0.57 15.90 -1.29
CA HIS B 87 -0.66 16.60 -1.80
C HIS B 87 -0.69 17.99 -1.13
N PRO B 88 -0.92 19.04 -1.89
CA PRO B 88 -1.00 20.44 -1.36
C PRO B 88 -2.02 20.64 -0.22
N ARG B 89 -3.00 19.80 -0.13
CA ARG B 89 -3.99 19.95 0.94
C ARG B 89 -4.00 18.79 1.94
N TYR B 90 -2.89 18.12 2.05
CA TYR B 90 -2.78 16.98 3.01
C TYR B 90 -3.04 17.68 4.37
N ASN B 91 -3.89 17.11 5.18
CA ASN B 91 -4.25 17.69 6.49
C ASN B 91 -3.73 16.91 7.68
N TRP B 92 -2.56 17.28 8.13
CA TRP B 92 -1.97 16.56 9.32
C TRP B 92 -2.48 17.13 10.60
N ARG B 93 -2.92 18.32 10.55
CA ARG B 93 -3.44 18.97 11.78
C ARG B 93 -4.68 18.27 12.33
N GLU B 94 -5.61 17.90 11.51
CA GLU B 94 -6.81 17.25 12.09
C GLU B 94 -7.10 15.76 11.85
N ASN B 95 -7.31 15.34 10.63
CA ASN B 95 -7.63 13.87 10.40
C ASN B 95 -6.84 13.15 9.32
N LEU B 96 -5.74 13.68 8.90
CA LEU B 96 -4.91 13.03 7.83
C LEU B 96 -5.69 12.87 6.54
N ASP B 97 -6.42 13.88 6.22
CA ASP B 97 -7.24 13.90 4.97
C ASP B 97 -6.25 14.17 3.84
N ARG B 98 -6.35 13.40 2.79
CA ARG B 98 -5.48 13.49 1.57
C ARG B 98 -4.08 13.06 1.99
N ASP B 99 -4.03 11.91 2.59
CA ASP B 99 -2.73 11.35 3.07
C ASP B 99 -2.17 10.59 1.85
N ILE B 100 -1.56 11.33 0.98
CA ILE B 100 -0.96 10.74 -0.26
C ILE B 100 0.25 11.57 -0.71
N ALA B 101 1.24 10.87 -1.22
CA ALA B 101 2.48 11.51 -1.70
C ALA B 101 2.97 10.63 -2.82
N LEU B 102 3.68 11.26 -3.71
CA LEU B 102 4.28 10.58 -4.92
C LEU B 102 5.76 10.78 -4.80
N MET B 103 6.53 9.82 -5.20
CA MET B 103 8.01 9.94 -5.10
C MET B 103 8.49 9.56 -6.49
N LYS B 104 9.42 10.33 -7.00
CA LYS B 104 9.98 10.07 -8.35
C LYS B 104 11.33 9.45 -8.07
N LEU B 105 11.64 8.37 -8.72
CA LEU B 105 12.96 7.74 -8.45
C LEU B 105 14.00 8.41 -9.30
N LYS B 106 15.23 8.24 -8.89
CA LYS B 106 16.35 8.85 -9.64
C LYS B 106 16.40 8.20 -11.02
N LYS B 107 16.43 6.89 -11.03
CA LYS B 107 16.49 6.16 -12.33
C LYS B 107 15.36 5.16 -12.38
N PRO B 108 14.91 4.80 -13.54
CA PRO B 108 13.84 3.79 -13.70
C PRO B 108 14.33 2.45 -13.18
N VAL B 109 13.42 1.66 -12.76
CA VAL B 109 13.80 0.35 -12.24
C VAL B 109 13.39 -0.60 -13.36
N ALA B 110 13.97 -1.76 -13.34
CA ALA B 110 13.64 -2.77 -14.39
C ALA B 110 12.73 -3.73 -13.69
N PHE B 111 11.72 -4.17 -14.39
CA PHE B 111 10.76 -5.10 -13.77
C PHE B 111 11.38 -6.48 -13.82
N SER B 112 10.82 -7.40 -13.07
CA SER B 112 11.34 -8.79 -13.05
C SER B 112 10.19 -9.59 -12.56
N ASP B 113 10.42 -10.78 -12.17
CA ASP B 113 9.33 -11.59 -11.68
C ASP B 113 8.95 -11.07 -10.27
N TYR B 114 9.78 -10.25 -9.71
CA TYR B 114 9.56 -9.69 -8.33
C TYR B 114 9.24 -8.20 -8.27
N ILE B 115 9.40 -7.52 -9.37
CA ILE B 115 9.15 -6.07 -9.45
C ILE B 115 8.18 -5.86 -10.63
N HIS B 116 6.96 -5.43 -10.36
CA HIS B 116 5.99 -5.19 -11.45
C HIS B 116 5.01 -4.13 -10.88
N PRO B 117 4.61 -3.12 -11.61
CA PRO B 117 3.64 -2.11 -11.09
C PRO B 117 2.18 -2.54 -10.95
N VAL B 118 1.47 -1.84 -10.13
CA VAL B 118 0.03 -2.14 -9.91
C VAL B 118 -0.72 -1.10 -10.76
N CYS B 119 -1.97 -1.33 -11.01
CA CYS B 119 -2.73 -0.36 -11.81
C CYS B 119 -3.48 0.57 -10.89
N LEU B 120 -3.72 1.75 -11.39
CA LEU B 120 -4.46 2.77 -10.59
C LEU B 120 -5.84 2.68 -11.22
N PRO B 121 -6.87 2.84 -10.45
CA PRO B 121 -8.23 2.55 -10.91
C PRO B 121 -8.79 3.72 -11.78
N ASP B 122 -9.77 3.42 -12.56
CA ASP B 122 -10.41 4.42 -13.43
C ASP B 122 -11.81 4.47 -12.81
N ARG B 123 -12.50 5.55 -13.00
CA ARG B 123 -13.87 5.77 -12.48
C ARG B 123 -14.74 4.54 -12.46
N GLU B 124 -14.75 3.83 -13.54
CA GLU B 124 -15.61 2.61 -13.59
C GLU B 124 -15.13 1.49 -12.72
N THR B 125 -13.86 1.25 -12.66
CA THR B 125 -13.40 0.12 -11.78
C THR B 125 -13.67 0.58 -10.34
N ALA B 126 -13.42 1.83 -10.05
CA ALA B 126 -13.67 2.32 -8.64
C ALA B 126 -15.12 2.10 -8.30
N ALA B 127 -15.94 2.56 -9.20
CA ALA B 127 -17.40 2.43 -9.02
C ALA B 127 -17.88 1.02 -8.86
N SER B 128 -17.32 0.12 -9.57
CA SER B 128 -17.83 -1.27 -9.40
C SER B 128 -17.20 -2.06 -8.26
N LEU B 129 -15.99 -1.78 -7.89
CA LEU B 129 -15.36 -2.57 -6.79
C LEU B 129 -15.40 -1.97 -5.42
N LEU B 130 -15.39 -0.68 -5.30
CA LEU B 130 -15.41 -0.12 -3.91
C LEU B 130 -16.82 -0.22 -3.30
N GLN B 131 -17.20 -1.42 -2.98
CA GLN B 131 -18.53 -1.65 -2.38
C GLN B 131 -18.34 -2.37 -1.06
N ALA B 132 -19.25 -2.06 -0.17
CA ALA B 132 -19.26 -2.66 1.18
C ALA B 132 -19.40 -4.15 1.05
N GLY B 133 -18.55 -4.87 1.72
CA GLY B 133 -18.63 -6.35 1.65
C GLY B 133 -17.55 -6.92 0.73
N TYR B 134 -17.09 -6.12 -0.18
CA TYR B 134 -16.05 -6.60 -1.10
C TYR B 134 -14.77 -6.53 -0.34
N LYS B 135 -13.98 -7.54 -0.54
CA LYS B 135 -12.66 -7.64 0.14
C LYS B 135 -11.54 -7.12 -0.74
N GLY B 136 -10.56 -6.63 -0.05
CA GLY B 136 -9.35 -6.07 -0.66
C GLY B 136 -8.23 -6.72 0.11
N ARG B 137 -7.02 -6.50 -0.31
CA ARG B 137 -5.84 -7.10 0.33
C ARG B 137 -4.87 -6.07 0.77
N VAL B 138 -4.23 -6.23 1.92
CA VAL B 138 -3.23 -5.21 2.38
C VAL B 138 -1.96 -6.02 2.64
N THR B 139 -0.82 -5.44 2.39
CA THR B 139 0.42 -6.18 2.63
C THR B 139 1.39 -5.25 3.32
N GLY B 140 2.32 -5.83 4.02
CA GLY B 140 3.32 -5.00 4.72
C GLY B 140 4.15 -5.81 5.71
N TRP B 141 5.16 -5.16 6.20
CA TRP B 141 6.13 -5.72 7.18
C TRP B 141 5.94 -5.11 8.59
N GLY B 142 4.89 -4.35 8.70
CA GLY B 142 4.53 -3.66 9.98
C GLY B 142 4.34 -4.66 11.10
N ASN B 143 4.10 -4.11 12.25
CA ASN B 143 3.90 -4.93 13.47
C ASN B 143 2.85 -5.99 13.26
N LEU B 144 3.00 -7.00 14.07
CA LEU B 144 2.08 -8.17 14.05
C LEU B 144 1.04 -8.08 15.18
N LYS B 145 1.31 -7.23 16.12
CA LYS B 145 0.40 -7.02 17.27
C LYS B 145 0.50 -5.55 17.57
N GLU B 146 -0.51 -5.06 18.22
CA GLU B 146 -0.51 -3.59 18.57
C GLU B 146 0.69 -3.39 19.49
N THR B 147 0.80 -4.30 20.39
CA THR B 147 1.86 -4.39 21.43
C THR B 147 1.81 -5.91 21.73
N GLY B 155 6.22 -10.44 17.37
CA GLY B 155 6.65 -8.98 17.34
C GLY B 155 6.55 -8.27 15.96
N GLN B 156 7.42 -8.64 15.07
CA GLN B 156 7.54 -7.97 13.74
C GLN B 156 7.78 -9.20 12.86
N PRO B 157 7.42 -9.19 11.62
CA PRO B 157 7.48 -10.42 10.80
C PRO B 157 8.81 -10.54 10.14
N SER B 158 9.12 -11.71 9.67
CA SER B 158 10.44 -11.87 8.98
C SER B 158 10.23 -11.71 7.50
N VAL B 159 9.02 -12.02 7.13
CA VAL B 159 8.55 -11.96 5.73
C VAL B 159 7.33 -11.03 5.59
N LEU B 160 7.03 -10.71 4.36
CA LEU B 160 5.88 -9.80 4.02
C LEU B 160 4.64 -10.56 4.40
N GLN B 161 3.71 -9.85 4.98
CA GLN B 161 2.40 -10.45 5.41
C GLN B 161 1.27 -9.92 4.50
N VAL B 162 0.23 -10.67 4.44
CA VAL B 162 -0.95 -10.31 3.64
C VAL B 162 -2.21 -10.59 4.47
N VAL B 163 -3.26 -9.84 4.28
CA VAL B 163 -4.55 -10.03 4.99
C VAL B 163 -5.57 -9.50 3.98
N ASN B 164 -6.71 -10.13 3.89
CA ASN B 164 -7.79 -9.72 2.94
C ASN B 164 -8.87 -9.21 3.90
N LEU B 165 -9.29 -7.99 3.69
CA LEU B 165 -10.32 -7.35 4.55
C LEU B 165 -11.49 -6.82 3.73
N PRO B 166 -12.68 -6.98 4.24
CA PRO B 166 -13.88 -6.36 3.63
C PRO B 166 -13.98 -4.84 3.79
N ILE B 167 -14.58 -4.20 2.83
CA ILE B 167 -14.76 -2.73 2.85
C ILE B 167 -16.03 -2.60 3.75
N VAL B 168 -16.05 -1.58 4.57
CA VAL B 168 -17.19 -1.35 5.50
C VAL B 168 -18.00 -0.13 5.05
N GLU B 169 -19.25 -0.18 5.38
CA GLU B 169 -20.20 0.93 5.01
C GLU B 169 -19.74 2.16 5.75
N ARG B 170 -19.73 3.25 5.07
CA ARG B 170 -19.30 4.51 5.67
C ARG B 170 -19.94 4.92 7.02
N PRO B 171 -21.23 4.81 7.27
CA PRO B 171 -21.81 5.12 8.58
C PRO B 171 -21.20 4.29 9.71
N VAL B 172 -20.91 3.07 9.39
CA VAL B 172 -20.33 2.17 10.39
C VAL B 172 -18.91 2.72 10.68
N CYS B 173 -18.25 3.16 9.66
CA CYS B 173 -16.90 3.69 9.85
C CYS B 173 -16.93 4.95 10.68
N LYS B 174 -17.81 5.82 10.33
CA LYS B 174 -17.92 7.10 11.08
C LYS B 174 -18.33 6.88 12.53
N ASP B 175 -19.23 5.98 12.74
CA ASP B 175 -19.69 5.71 14.14
C ASP B 175 -18.76 4.91 14.99
N SER B 176 -17.58 4.65 14.50
CA SER B 176 -16.58 3.87 15.27
C SER B 176 -15.50 4.82 15.79
N THR B 177 -15.53 6.06 15.37
CA THR B 177 -14.49 6.97 15.86
C THR B 177 -15.06 8.32 16.08
N ARG B 178 -14.25 9.12 16.68
CA ARG B 178 -14.54 10.52 17.02
C ARG B 178 -13.88 11.35 15.97
N ILE B 179 -13.07 10.77 15.11
CA ILE B 179 -12.41 11.59 14.06
C ILE B 179 -13.38 11.83 12.91
N ARG B 180 -13.21 12.98 12.34
CA ARG B 180 -14.08 13.38 11.20
C ARG B 180 -13.60 12.65 9.91
N ILE B 181 -14.43 11.81 9.37
CA ILE B 181 -14.11 11.04 8.13
C ILE B 181 -14.54 11.92 6.94
N THR B 182 -13.75 11.94 5.88
CA THR B 182 -14.07 12.74 4.68
C THR B 182 -14.32 11.75 3.53
N ASP B 183 -14.65 12.27 2.39
CA ASP B 183 -14.91 11.33 1.27
C ASP B 183 -13.58 10.86 0.68
N ASN B 184 -12.47 11.31 1.20
CA ASN B 184 -11.14 10.88 0.63
C ASN B 184 -10.60 9.72 1.44
N MET B 185 -11.46 9.09 2.18
CA MET B 185 -11.06 7.94 3.01
C MET B 185 -12.14 6.90 2.93
N PHE B 186 -11.79 5.68 3.23
CA PHE B 186 -12.77 4.57 3.26
C PHE B 186 -12.22 3.73 4.41
N CYS B 187 -12.98 2.83 4.99
CA CYS B 187 -12.43 2.01 6.11
C CYS B 187 -12.69 0.56 5.75
N ALA B 188 -11.87 -0.31 6.29
CA ALA B 188 -12.08 -1.76 5.99
C ALA B 188 -11.79 -2.57 7.22
N GLY B 189 -12.31 -3.75 7.26
CA GLY B 189 -12.09 -4.62 8.41
C GLY B 189 -13.34 -5.36 8.73
N TYR B 190 -13.20 -6.34 9.57
CA TYR B 190 -14.35 -7.18 9.99
C TYR B 190 -15.05 -6.55 11.18
N LYS B 191 -16.31 -6.85 11.32
CA LYS B 191 -17.12 -6.31 12.45
C LYS B 191 -16.74 -7.23 13.64
N PRO B 192 -16.88 -6.79 14.88
CA PRO B 192 -16.65 -7.66 16.10
C PRO B 192 -17.40 -8.98 15.92
N ASP B 193 -18.52 -8.71 15.32
CA ASP B 193 -19.57 -9.71 14.96
C ASP B 193 -19.26 -10.64 13.79
N GLU B 194 -18.10 -10.57 13.18
CA GLU B 194 -17.87 -11.52 12.03
C GLU B 194 -16.77 -12.55 12.33
N GLY B 195 -16.51 -12.72 13.58
CA GLY B 195 -15.48 -13.68 14.08
C GLY B 195 -14.28 -13.89 13.18
N LYS B 196 -13.86 -12.85 12.54
CA LYS B 196 -12.70 -12.85 11.63
C LYS B 196 -11.95 -11.62 12.10
N ARG B 197 -10.66 -11.64 11.99
CA ARG B 197 -9.81 -10.52 12.43
C ARG B 197 -8.90 -10.10 11.28
N GLY B 198 -8.11 -9.12 11.58
CA GLY B 198 -7.18 -8.62 10.60
C GLY B 198 -7.14 -7.14 10.54
N ASP B 199 -5.97 -6.62 10.28
CA ASP B 199 -5.82 -5.13 10.18
C ASP B 199 -4.34 -4.84 9.88
N ALA B 200 -4.10 -3.64 9.46
CA ALA B 200 -2.72 -3.27 9.17
C ALA B 200 -2.31 -2.78 10.58
N CYS B 201 -1.11 -2.33 10.71
CA CYS B 201 -0.66 -1.84 12.03
C CYS B 201 0.52 -0.97 11.75
N GLU B 202 1.12 -0.54 12.83
CA GLU B 202 2.31 0.35 12.74
C GLU B 202 3.35 -0.25 11.79
N GLY B 203 3.95 0.52 10.94
CA GLY B 203 4.98 -0.04 10.00
C GLY B 203 4.37 -0.36 8.67
N ASP B 204 3.06 -0.33 8.60
CA ASP B 204 2.37 -0.64 7.32
C ASP B 204 1.83 0.60 6.67
N SER B 205 1.86 1.65 7.32
CA SER B 205 1.40 2.95 6.72
C SER B 205 2.00 3.15 5.34
N GLY B 206 1.29 3.76 4.38
CA GLY B 206 1.88 3.94 3.01
C GLY B 206 1.73 2.82 2.08
N GLY B 207 1.46 1.65 2.55
CA GLY B 207 1.32 0.54 1.60
C GLY B 207 -0.03 0.46 0.94
N PRO B 208 -0.15 -0.49 0.05
CA PRO B 208 -1.38 -0.68 -0.75
C PRO B 208 -2.48 -1.54 -0.28
N PHE B 209 -3.68 -1.12 -0.67
CA PHE B 209 -4.92 -1.86 -0.34
C PHE B 209 -5.25 -2.14 -1.87
N VAL B 210 -5.29 -3.38 -2.30
CA VAL B 210 -5.58 -3.66 -3.73
C VAL B 210 -6.71 -4.61 -3.92
N MET B 211 -7.31 -4.53 -5.08
CA MET B 211 -8.43 -5.44 -5.39
C MET B 211 -8.13 -6.03 -6.77
N LYS B 212 -8.65 -7.19 -7.02
CA LYS B 212 -8.40 -7.83 -8.34
C LYS B 212 -9.68 -7.69 -9.18
N SER B 213 -9.59 -7.03 -10.30
CA SER B 213 -10.79 -6.83 -11.17
C SER B 213 -11.19 -8.18 -11.75
N PRO B 214 -12.43 -8.59 -11.54
CA PRO B 214 -12.99 -9.81 -12.16
C PRO B 214 -13.34 -9.60 -13.66
N PHE B 215 -13.11 -8.42 -14.16
CA PHE B 215 -13.41 -8.08 -15.58
C PHE B 215 -12.19 -8.27 -16.41
N ASN B 216 -11.07 -7.79 -15.95
CA ASN B 216 -9.83 -7.97 -16.77
C ASN B 216 -8.65 -8.58 -16.01
N ASN B 217 -8.92 -9.24 -14.91
CA ASN B 217 -7.88 -9.89 -14.05
C ASN B 217 -6.70 -9.11 -13.54
N ARG B 218 -6.79 -7.82 -13.64
CA ARG B 218 -5.68 -6.99 -13.15
C ARG B 218 -5.95 -6.57 -11.70
N TRP B 219 -4.87 -6.24 -11.05
CA TRP B 219 -4.90 -5.80 -9.63
C TRP B 219 -4.88 -4.32 -9.70
N TYR B 220 -5.69 -3.70 -8.90
CA TYR B 220 -5.77 -2.21 -8.87
C TYR B 220 -5.56 -1.81 -7.44
N GLN B 221 -4.92 -0.69 -7.27
CA GLN B 221 -4.67 -0.21 -5.91
C GLN B 221 -5.80 0.80 -5.64
N MET B 222 -6.70 0.43 -4.75
CA MET B 222 -7.84 1.31 -4.41
C MET B 222 -7.51 2.21 -3.21
N GLY B 223 -6.73 1.71 -2.30
CA GLY B 223 -6.37 2.54 -1.12
C GLY B 223 -4.91 2.49 -0.72
N ILE B 224 -4.57 3.40 0.17
CA ILE B 224 -3.21 3.55 0.74
C ILE B 224 -3.44 3.42 2.27
N VAL B 225 -2.68 2.61 2.95
CA VAL B 225 -2.85 2.42 4.44
C VAL B 225 -2.56 3.83 5.04
N SER B 226 -3.54 4.35 5.73
CA SER B 226 -3.39 5.68 6.32
C SER B 226 -3.37 5.62 7.82
N TRP B 227 -4.45 5.26 8.47
CA TRP B 227 -4.42 5.21 9.96
C TRP B 227 -5.40 4.23 10.51
N GLY B 228 -5.47 4.20 11.80
CA GLY B 228 -6.39 3.30 12.54
C GLY B 228 -6.11 3.68 13.98
N GLU B 229 -6.90 3.23 14.92
CA GLU B 229 -6.66 3.59 16.36
C GLU B 229 -6.29 2.24 16.94
N GLY B 230 -5.03 2.02 17.14
CA GLY B 230 -4.61 0.72 17.68
C GLY B 230 -4.51 -0.18 16.45
N CYS B 231 -4.45 -1.46 16.68
CA CYS B 231 -4.35 -2.41 15.55
C CYS B 231 -5.21 -3.59 15.87
N ASP B 232 -6.20 -3.78 15.06
CA ASP B 232 -7.15 -4.93 15.21
C ASP B 232 -8.00 -4.84 16.48
N ARG B 233 -8.34 -3.65 16.88
CA ARG B 233 -9.17 -3.55 18.12
C ARG B 233 -10.60 -3.85 17.66
N ASP B 234 -11.39 -4.54 18.44
CA ASP B 234 -12.79 -4.84 17.96
C ASP B 234 -13.59 -3.55 18.00
N GLY B 235 -14.40 -3.35 17.00
CA GLY B 235 -15.21 -2.12 16.96
C GLY B 235 -14.50 -1.02 16.23
N LYS B 236 -13.24 -1.22 15.94
CA LYS B 236 -12.45 -0.18 15.22
C LYS B 236 -12.11 -0.74 13.83
N TYR B 237 -11.76 0.11 12.93
CA TYR B 237 -11.41 -0.29 11.54
C TYR B 237 -10.15 0.47 11.09
N GLY B 238 -9.66 0.12 9.93
CA GLY B 238 -8.46 0.78 9.40
C GLY B 238 -9.01 1.72 8.35
N PHE B 239 -8.36 2.84 8.23
CA PHE B 239 -8.79 3.85 7.26
C PHE B 239 -7.70 3.89 6.24
N TYR B 240 -8.14 4.11 5.02
CA TYR B 240 -7.24 4.18 3.86
C TYR B 240 -7.52 5.37 3.01
N THR B 241 -6.51 5.90 2.36
CA THR B 241 -6.78 7.06 1.49
C THR B 241 -7.51 6.49 0.23
N HIS B 242 -8.46 7.24 -0.26
CA HIS B 242 -9.30 6.86 -1.46
C HIS B 242 -8.49 7.23 -2.71
N VAL B 243 -7.70 6.32 -3.24
CA VAL B 243 -6.90 6.68 -4.45
C VAL B 243 -7.69 7.22 -5.62
N PHE B 244 -8.79 6.64 -5.96
CA PHE B 244 -9.50 7.22 -7.10
C PHE B 244 -9.91 8.68 -6.83
N ARG B 245 -10.32 9.06 -5.65
CA ARG B 245 -10.70 10.48 -5.46
C ARG B 245 -9.55 11.41 -5.56
N LEU B 246 -8.35 10.92 -5.50
CA LEU B 246 -7.17 11.84 -5.59
C LEU B 246 -6.40 11.57 -6.91
N LYS B 247 -7.02 10.86 -7.79
CA LYS B 247 -6.37 10.53 -9.08
C LYS B 247 -6.05 11.73 -9.97
N LYS B 248 -6.83 12.76 -9.96
CA LYS B 248 -6.49 13.91 -10.86
C LYS B 248 -5.20 14.55 -10.35
N TRP B 249 -5.03 14.59 -9.06
CA TRP B 249 -3.77 15.21 -8.49
C TRP B 249 -2.65 14.29 -8.97
N ILE B 250 -2.85 13.00 -8.84
CA ILE B 250 -1.79 12.05 -9.28
C ILE B 250 -1.43 12.31 -10.77
N GLN B 251 -2.42 12.27 -11.63
CA GLN B 251 -2.19 12.50 -13.09
C GLN B 251 -1.47 13.83 -13.31
N LYS B 252 -1.88 14.81 -12.59
CA LYS B 252 -1.24 16.12 -12.75
C LYS B 252 0.23 16.10 -12.38
N VAL B 253 0.66 15.62 -11.24
CA VAL B 253 2.13 15.70 -11.02
C VAL B 253 2.86 14.77 -11.95
N ILE B 254 2.28 13.68 -12.28
CA ILE B 254 3.07 12.82 -13.19
C ILE B 254 3.30 13.51 -14.55
N ASP B 255 2.26 13.87 -15.26
CA ASP B 255 2.53 14.52 -16.59
C ASP B 255 3.03 15.97 -16.50
N GLN B 256 3.16 16.51 -15.33
CA GLN B 256 3.66 17.90 -15.21
C GLN B 256 5.15 17.72 -14.91
N PHE B 257 5.48 16.65 -14.19
CA PHE B 257 6.90 16.39 -13.83
C PHE B 257 7.52 15.09 -14.37
N ASP C 1 18.70 -4.77 13.58
CA ASP C 1 17.99 -6.00 13.09
C ASP C 1 18.19 -6.06 11.55
N PHE C 2 18.26 -4.93 10.91
CA PHE C 2 18.45 -4.95 9.44
C PHE C 2 19.88 -5.26 9.13
N GLU C 3 20.02 -6.10 8.14
CA GLU C 3 21.34 -6.55 7.65
C GLU C 3 21.84 -5.30 6.94
N GLU C 4 23.10 -5.34 6.65
CA GLU C 4 23.79 -4.20 5.96
C GLU C 4 23.45 -4.22 4.50
N ILE C 5 23.36 -3.05 3.92
CA ILE C 5 23.04 -2.93 2.49
C ILE C 5 24.34 -2.34 1.91
N PRO C 6 24.65 -2.63 0.66
CA PRO C 6 25.83 -2.06 -0.01
C PRO C 6 25.99 -0.54 0.00
N GLU C 7 27.17 -0.15 0.42
CA GLU C 7 27.57 1.27 0.53
C GLU C 7 27.20 2.11 -0.69
N GLU C 8 27.27 1.55 -1.88
CA GLU C 8 26.92 2.40 -3.08
C GLU C 8 25.50 2.97 -2.99
N TYS C 9 24.69 2.51 -2.07
CA TYS C 9 23.30 3.05 -1.96
CB TYS C 9 22.33 1.90 -1.65
CG TYS C 9 22.32 0.85 -2.78
CD1 TYS C 9 22.07 1.22 -4.09
CD2 TYS C 9 22.55 -0.48 -2.48
CE1 TYS C 9 22.04 0.26 -5.08
CE2 TYS C 9 22.53 -1.43 -3.47
CZ TYS C 9 22.27 -1.07 -4.77
OH TYS C 9 22.24 -2.02 -5.76
S TYS C 9 20.92 -2.83 -5.89
O1 TYS C 9 21.08 -4.06 -6.61
O2 TYS C 9 20.40 -3.36 -4.66
O3 TYS C 9 19.94 -2.02 -6.58
C TYS C 9 23.20 4.11 -0.85
O TYS C 9 22.10 4.43 -0.43
H2 TYS C 9 24.99 1.80 -1.45
HA TYS C 9 23.02 3.53 -2.90
HB2 TYS C 9 21.34 2.31 -1.55
HB3 TYS C 9 22.61 1.45 -0.71
HD1 TYS C 9 21.89 2.25 -4.34
HD2 TYS C 9 22.76 -0.77 -1.46
HE1 TYS C 9 21.84 0.56 -6.09
HE2 TYS C 9 22.71 -2.47 -3.22
N LEU C 10 24.30 4.64 -0.40
CA LEU C 10 24.28 5.68 0.68
C LEU C 10 24.99 6.84 0.01
N GLN C 11 26.24 6.58 -0.27
CA GLN C 11 27.19 7.55 -0.92
C GLN C 11 27.47 8.70 0.06
NA NA D . -11.49 -4.11 14.32
C1 130 E . -2.96 1.23 11.12
C2 130 E . -2.48 1.42 9.82
C3 130 E . -1.31 2.16 9.59
C4 130 E . -0.65 2.67 10.67
C5 130 E . -1.10 2.50 11.94
C6 130 E . -2.25 1.78 12.20
C7 130 E . -4.13 0.52 11.32
N1 130 E . -4.38 0.02 12.49
N2 130 E . -4.96 0.34 10.31
N3 130 E . 0.43 3.36 10.76
N4 130 E . -0.30 3.06 12.83
C8 130 E . 0.63 3.58 12.04
C1' 130 E . 1.65 4.43 12.49
C2' 130 E . 1.87 4.55 13.87
C3' 130 E . 2.86 5.38 14.36
C4' 130 E . 3.63 6.12 13.48
C5' 130 E . 3.45 6.04 12.09
C6' 130 E . 2.45 5.18 11.59
O6' 130 E . 2.26 5.03 10.23
C1B 130 E . 4.25 6.88 11.30
C2B 130 E . 5.04 6.42 10.24
C3B 130 E . 5.84 7.31 9.53
C4B 130 E . 5.89 8.66 9.87
C5B 130 E . 5.12 9.13 10.92
C6B 130 E . 4.31 8.26 11.64
HC2 130 E . -3.02 1.01 8.97
HC3 130 E . -0.93 2.32 8.60
HC6 130 E . -2.60 1.64 13.22
HH11 130 E . -3.71 0.18 13.25
HH12 130 E . -5.19 -0.49 12.73
HH21 130 E . -4.75 0.80 9.43
HN3 130 E . 1.02 3.69 10.05
HC'2 130 E . 1.27 4.00 14.57
HC'3 130 E . 3.02 5.46 15.42
HC'4 130 E . 4.40 6.76 13.88
H2' 130 E . 5.01 5.38 9.96
H3' 130 E . 6.44 6.94 8.70
H4' 130 E . 6.53 9.34 9.31
H5' 130 E . 5.15 10.18 11.18
H6' 130 E . 3.72 8.65 12.45
HH22 130 E . -5.82 -0.16 10.37
#